data_9EOB
#
_entry.id   9EOB
#
_cell.length_a   74.670
_cell.length_b   88.189
_cell.length_c   99.585
_cell.angle_alpha   90.000
_cell.angle_beta   90.000
_cell.angle_gamma   90.000
#
_symmetry.space_group_name_H-M   'P 21 21 21'
#
loop_
_entity.id
_entity.type
_entity.pdbx_description
1 polymer exo-alpha-sialidase
2 non-polymer 'NICKEL (II) ION'
3 non-polymer 1,2-ETHANEDIOL
4 non-polymer DI(HYDROXYETHYL)ETHER
5 non-polymer 'CHLORIDE ION'
6 water water
#
_entity_poly.entity_id   1
_entity_poly.type   'polypeptide(L)'
_entity_poly.pdbx_seq_one_letter_code
;PVPEPEVVATPPADAGRGLIRVDSREIRHYSGTRKEPDYLVSRDNGKTWEMKAAPAGYPPNYGGIPKESPAIVRNPLTRE
FIRVQPIGGFVFLSRGGLDGKWLAVTNDGKLEEDWKDPEKRKNLKKLGGIMRTPVFVNKGRRVIVPFHNMGGGTKFHISD
DGGLTWHVSRNGVTSPRHEARPPHQGVRWFNNAVEATVLEMKDGTLWALARTSQDQAWQAFSKDYGETWSKPEPSRFFGT
LTMNTLGRLDDGTIVSLWTNTMALPENATAGNGTWEDVFTNRDSHHIAMSGDEGKTWYGFREIILDEHRNHPGYATLDGP
EDRGKAYSEMVQLDKNRILISLGQHKNHRRLVIVDRRWVGAKTRATQTGKDLDSQWTIHTYIPQKKGHCSYNRKPSAELV
QDPSGGTKKVLQIKRLDDPELVNEKSNVDYRNGGATWNFPNGTTGLVKFRFRVVDGEQADDSGLQVSLTDRLFNACDSTT
KDYALFTFPIRLKPAPHLLLGMKKVPFTPGAWHEISLLWQGGQAVVSLDGKKAGTLKMANKSPNGASYIHFISTGSQPDA
GILLDTVNARVKLEHHHHHH
;
_entity_poly.pdbx_strand_id   A
#
loop_
_chem_comp.id
_chem_comp.type
_chem_comp.name
_chem_comp.formula
CL non-polymer 'CHLORIDE ION' 'Cl -1'
EDO non-polymer 1,2-ETHANEDIOL 'C2 H6 O2'
NI non-polymer 'NICKEL (II) ION' 'Ni 2'
PEG non-polymer DI(HYDROXYETHYL)ETHER 'C4 H10 O3'
#
# COMPACT_ATOMS: atom_id res chain seq x y z
N VAL A 2 -17.23 12.19 -8.88
CA VAL A 2 -17.68 11.73 -7.53
C VAL A 2 -16.60 12.06 -6.49
N PRO A 3 -16.95 12.14 -5.19
CA PRO A 3 -16.04 12.60 -4.14
C PRO A 3 -14.70 11.88 -4.11
N GLU A 4 -13.65 12.68 -4.09
CA GLU A 4 -12.30 12.25 -3.85
C GLU A 4 -12.16 11.83 -2.38
N PRO A 5 -11.15 11.02 -2.05
CA PRO A 5 -10.89 10.66 -0.65
C PRO A 5 -10.76 11.92 0.19
N GLU A 6 -11.28 11.85 1.42
CA GLU A 6 -11.30 12.97 2.35
C GLU A 6 -10.65 12.54 3.65
N VAL A 7 -9.58 13.23 4.05
CA VAL A 7 -9.01 12.99 5.36
C VAL A 7 -9.91 13.62 6.42
N VAL A 8 -10.25 12.87 7.48
CA VAL A 8 -11.15 13.37 8.50
C VAL A 8 -10.50 13.45 9.88
N ALA A 9 -9.45 12.68 10.15
CA ALA A 9 -8.80 12.69 11.46
C ALA A 9 -7.46 11.96 11.41
N THR A 10 -6.77 11.99 12.56
CA THR A 10 -5.56 11.23 12.80
C THR A 10 -5.92 10.23 13.89
N PRO A 11 -5.78 8.89 13.66
CA PRO A 11 -6.07 7.91 14.71
C PRO A 11 -5.02 7.98 15.81
N PRO A 12 -5.41 7.57 17.03
CA PRO A 12 -4.52 7.64 18.20
C PRO A 12 -3.57 6.46 18.33
N ALA A 13 -3.53 5.63 17.29
CA ALA A 13 -2.58 4.54 17.20
C ALA A 13 -2.35 4.32 15.71
N ASP A 14 -1.28 3.60 15.41
CA ASP A 14 -1.04 3.18 14.06
C ASP A 14 -2.28 2.41 13.60
N ALA A 15 -2.51 2.42 12.30
CA ALA A 15 -3.65 1.74 11.75
C ALA A 15 -3.45 0.22 11.79
N GLY A 16 -4.56 -0.52 11.70
CA GLY A 16 -4.53 -1.96 11.53
C GLY A 16 -5.38 -2.71 12.56
N ARG A 17 -5.59 -2.06 13.70
CA ARG A 17 -6.30 -2.63 14.83
C ARG A 17 -6.97 -1.48 15.58
N GLY A 18 -8.14 -1.79 16.15
CA GLY A 18 -8.76 -0.96 17.16
C GLY A 18 -9.90 -0.08 16.63
N LEU A 19 -10.14 -0.13 15.31
CA LEU A 19 -11.22 0.65 14.70
C LEU A 19 -12.49 -0.21 14.74
N ILE A 20 -13.56 0.30 15.39
CA ILE A 20 -14.73 -0.53 15.63
C ILE A 20 -16.01 0.29 15.62
N ARG A 21 -17.00 -0.21 14.88
CA ARG A 21 -18.34 0.37 14.93
C ARG A 21 -19.07 -0.05 16.21
N VAL A 22 -19.58 0.93 16.95
CA VAL A 22 -20.36 0.71 18.16
C VAL A 22 -21.85 0.60 17.80
N ASP A 23 -22.37 1.57 17.03
CA ASP A 23 -23.75 1.52 16.56
C ASP A 23 -23.86 2.29 15.24
N SER A 24 -25.09 2.60 14.77
CA SER A 24 -25.20 3.16 13.43
C SER A 24 -24.55 4.55 13.35
N ARG A 25 -24.30 5.22 14.47
CA ARG A 25 -23.73 6.55 14.41
C ARG A 25 -22.37 6.66 15.11
N GLU A 26 -22.06 5.70 16.00
CA GLU A 26 -20.86 5.81 16.82
C GLU A 26 -19.80 4.83 16.33
N ILE A 27 -18.57 5.35 16.11
CA ILE A 27 -17.42 4.57 15.69
C ILE A 27 -16.25 5.00 16.59
N ARG A 28 -15.45 4.01 17.02
CA ARG A 28 -14.34 4.30 17.89
C ARG A 28 -13.04 3.78 17.30
N HIS A 29 -11.93 4.42 17.66
CA HIS A 29 -10.62 3.86 17.41
C HIS A 29 -9.86 3.85 18.72
N TYR A 30 -9.56 2.64 19.20
CA TYR A 30 -8.83 2.49 20.44
C TYR A 30 -7.34 2.72 20.20
N SER A 31 -6.57 2.64 21.29
CA SER A 31 -5.18 3.07 21.31
C SER A 31 -4.35 2.02 22.01
N GLY A 32 -3.03 2.15 21.86
CA GLY A 32 -2.07 1.34 22.60
C GLY A 32 -1.58 2.04 23.87
N THR A 33 -2.32 3.02 24.40
CA THR A 33 -1.78 3.75 25.54
C THR A 33 -1.43 2.80 26.70
N ARG A 34 -0.31 3.07 27.39
CA ARG A 34 0.07 2.32 28.59
C ARG A 34 -0.60 2.92 29.82
N LYS A 35 -1.25 4.06 29.68
CA LYS A 35 -1.91 4.69 30.82
C LYS A 35 -3.36 4.26 30.83
N GLU A 36 -4.25 5.12 31.35
CA GLU A 36 -5.66 4.78 31.40
C GLU A 36 -6.19 4.71 29.97
N PRO A 37 -6.91 3.61 29.61
CA PRO A 37 -7.35 3.42 28.24
C PRO A 37 -8.22 4.56 27.71
N ASP A 38 -8.10 4.81 26.39
CA ASP A 38 -8.82 5.90 25.75
C ASP A 38 -9.10 5.49 24.31
N TYR A 39 -9.93 6.26 23.64
CA TYR A 39 -10.23 6.02 22.23
C TYR A 39 -10.62 7.35 21.59
N LEU A 40 -10.42 7.39 20.27
CA LEU A 40 -11.00 8.42 19.45
C LEU A 40 -12.41 8.01 19.04
N VAL A 41 -13.36 8.94 19.15
CA VAL A 41 -14.74 8.60 18.85
C VAL A 41 -15.38 9.64 17.93
N SER A 42 -16.24 9.10 17.05
CA SER A 42 -17.12 9.83 16.16
C SER A 42 -18.55 9.48 16.53
N ARG A 43 -19.39 10.51 16.66
CA ARG A 43 -20.80 10.29 16.93
C ARG A 43 -21.65 10.68 15.73
N ASP A 44 -20.99 11.03 14.60
CA ASP A 44 -21.72 11.38 13.38
C ASP A 44 -21.32 10.45 12.23
N ASN A 45 -21.17 9.16 12.53
CA ASN A 45 -20.87 8.15 11.55
C ASN A 45 -19.63 8.51 10.72
N GLY A 46 -18.59 9.01 11.42
CA GLY A 46 -17.23 9.03 10.89
C GLY A 46 -16.76 10.40 10.42
N LYS A 47 -17.61 11.44 10.52
CA LYS A 47 -17.25 12.75 10.01
C LYS A 47 -16.30 13.49 10.95
N THR A 48 -16.66 13.58 12.25
CA THR A 48 -15.89 14.36 13.20
C THR A 48 -15.51 13.46 14.36
N TRP A 49 -14.46 13.82 15.08
CA TRP A 49 -13.80 12.94 16.03
C TRP A 49 -13.25 13.70 17.22
N GLU A 50 -13.24 13.07 18.40
CA GLU A 50 -12.50 13.59 19.54
C GLU A 50 -12.05 12.45 20.45
N MET A 51 -11.09 12.71 21.33
CA MET A 51 -10.62 11.71 22.27
C MET A 51 -11.56 11.63 23.48
N LYS A 52 -11.66 10.43 24.05
CA LYS A 52 -12.46 10.16 25.22
C LYS A 52 -11.82 9.05 26.03
N ALA A 53 -11.87 9.20 27.37
CA ALA A 53 -11.40 8.17 28.27
C ALA A 53 -12.37 6.99 28.22
N ALA A 54 -11.83 5.75 28.22
CA ALA A 54 -12.64 4.57 28.38
C ALA A 54 -13.05 4.43 29.85
N PRO A 55 -14.18 3.76 30.13
CA PRO A 55 -14.58 3.53 31.53
C PRO A 55 -13.60 2.60 32.22
N ALA A 56 -13.66 2.57 33.56
CA ALA A 56 -12.72 1.78 34.37
C ALA A 56 -12.90 0.28 34.17
N GLY A 57 -14.09 -0.18 33.72
CA GLY A 57 -14.33 -1.59 33.46
C GLY A 57 -13.66 -2.12 32.16
N TYR A 58 -13.18 -1.22 31.30
CA TYR A 58 -12.51 -1.59 30.07
C TYR A 58 -11.05 -1.80 30.40
N PRO A 59 -10.48 -2.99 30.13
CA PRO A 59 -9.18 -3.34 30.70
C PRO A 59 -8.03 -2.54 30.12
N PRO A 60 -6.98 -2.27 30.90
CA PRO A 60 -5.80 -1.63 30.34
C PRO A 60 -5.13 -2.56 29.34
N ASN A 61 -4.21 -1.97 28.60
CA ASN A 61 -3.40 -2.75 27.67
C ASN A 61 -2.30 -3.45 28.46
N TYR A 62 -2.56 -4.68 28.92
CA TYR A 62 -1.57 -5.45 29.67
C TYR A 62 -0.50 -5.95 28.71
N GLY A 63 -0.93 -6.38 27.52
CA GLY A 63 0.02 -6.64 26.45
C GLY A 63 0.05 -5.49 25.46
N GLY A 64 0.53 -5.80 24.26
CA GLY A 64 0.57 -4.84 23.18
C GLY A 64 1.71 -3.87 23.41
N ILE A 65 1.69 -2.80 22.64
CA ILE A 65 2.78 -1.86 22.58
C ILE A 65 2.18 -0.47 22.47
N PRO A 66 2.93 0.59 22.82
CA PRO A 66 2.33 1.93 22.79
C PRO A 66 1.72 2.38 21.46
N LYS A 67 2.30 1.98 20.32
CA LYS A 67 1.90 2.53 19.03
C LYS A 67 0.75 1.78 18.39
N GLU A 68 0.34 0.64 18.96
CA GLU A 68 -0.72 -0.15 18.35
C GLU A 68 -1.82 -0.48 19.34
N SER A 69 -3.08 -0.31 18.88
CA SER A 69 -4.26 -0.73 19.63
C SER A 69 -4.37 -2.25 19.61
N PRO A 70 -5.02 -2.86 20.60
CA PRO A 70 -5.54 -4.21 20.43
C PRO A 70 -6.59 -4.24 19.33
N ALA A 71 -6.74 -5.42 18.72
CA ALA A 71 -7.84 -5.69 17.81
C ALA A 71 -9.10 -5.95 18.60
N ILE A 72 -10.23 -5.43 18.09
CA ILE A 72 -11.52 -5.51 18.76
C ILE A 72 -12.52 -5.88 17.67
N VAL A 73 -13.21 -6.99 17.89
CA VAL A 73 -14.05 -7.60 16.85
C VAL A 73 -15.34 -8.07 17.50
N ARG A 74 -16.45 -7.78 16.81
CA ARG A 74 -17.75 -8.16 17.30
C ARG A 74 -18.08 -9.60 16.86
N ASN A 75 -18.50 -10.39 17.84
CA ASN A 75 -19.03 -11.71 17.63
C ASN A 75 -20.43 -11.56 17.03
N PRO A 76 -20.71 -12.08 15.83
CA PRO A 76 -21.97 -11.77 15.14
C PRO A 76 -23.19 -12.48 15.75
N LEU A 77 -22.97 -13.56 16.50
CA LEU A 77 -24.04 -14.31 17.14
C LEU A 77 -24.38 -13.68 18.49
N THR A 78 -23.39 -13.41 19.34
CA THR A 78 -23.65 -12.86 20.67
C THR A 78 -23.73 -11.33 20.65
N ARG A 79 -23.16 -10.69 19.62
CA ARG A 79 -23.00 -9.24 19.54
C ARG A 79 -22.07 -8.69 20.64
N GLU A 80 -21.42 -9.55 21.43
CA GLU A 80 -20.33 -9.13 22.31
C GLU A 80 -19.02 -9.06 21.51
N PHE A 81 -17.92 -8.67 22.18
CA PHE A 81 -16.65 -8.38 21.54
C PHE A 81 -15.57 -9.28 22.09
N ILE A 82 -14.55 -9.51 21.23
CA ILE A 82 -13.31 -10.18 21.63
C ILE A 82 -12.16 -9.20 21.36
N ARG A 83 -11.24 -9.17 22.33
CA ARG A 83 -10.08 -8.28 22.20
C ARG A 83 -8.81 -9.12 22.35
N VAL A 84 -7.88 -8.94 21.40
CA VAL A 84 -6.54 -9.46 21.49
C VAL A 84 -5.56 -8.35 21.10
N GLN A 85 -4.36 -8.47 21.62
CA GLN A 85 -3.32 -7.50 21.37
C GLN A 85 -2.56 -7.84 20.08
N PRO A 86 -1.73 -6.91 19.53
CA PRO A 86 -0.76 -7.26 18.50
C PRO A 86 0.25 -8.31 18.93
N ILE A 87 0.56 -8.34 20.23
CA ILE A 87 1.57 -9.25 20.72
C ILE A 87 1.39 -9.23 22.22
N GLY A 88 1.46 -10.40 22.84
CA GLY A 88 1.33 -10.50 24.28
C GLY A 88 -0.10 -10.27 24.77
N GLY A 89 -0.20 -10.18 26.11
CA GLY A 89 -1.47 -9.95 26.77
C GLY A 89 -2.41 -11.14 26.67
N PHE A 90 -3.67 -10.81 26.80
CA PHE A 90 -4.71 -11.75 27.18
C PHE A 90 -5.85 -11.70 26.17
N VAL A 91 -6.83 -12.58 26.38
CA VAL A 91 -8.03 -12.66 25.55
C VAL A 91 -9.18 -12.17 26.41
N PHE A 92 -9.77 -11.03 26.05
CA PHE A 92 -10.90 -10.48 26.79
C PHE A 92 -12.18 -10.59 25.98
N LEU A 93 -13.26 -10.97 26.67
CA LEU A 93 -14.59 -11.06 26.07
C LEU A 93 -15.53 -10.13 26.83
N SER A 94 -16.40 -9.41 26.11
CA SER A 94 -17.27 -8.43 26.74
C SER A 94 -18.59 -9.09 27.17
N ARG A 95 -19.23 -8.46 28.15
N ARG A 95 -19.24 -8.46 28.14
CA ARG A 95 -20.56 -8.82 28.59
CA ARG A 95 -20.58 -8.82 28.57
C ARG A 95 -21.29 -7.49 28.80
C ARG A 95 -21.29 -7.49 28.80
N GLY A 96 -22.18 -7.15 27.86
CA GLY A 96 -22.83 -5.84 27.86
C GLY A 96 -22.11 -4.82 26.97
N GLY A 97 -21.30 -5.28 25.99
CA GLY A 97 -20.67 -4.35 25.07
C GLY A 97 -19.38 -3.74 25.60
N LEU A 98 -18.88 -2.76 24.84
CA LEU A 98 -17.55 -2.22 25.03
C LEU A 98 -17.41 -1.51 26.38
N ASP A 99 -18.54 -0.92 26.80
CA ASP A 99 -18.58 -0.23 28.07
C ASP A 99 -19.24 -1.08 29.16
N GLY A 100 -19.32 -2.39 28.94
CA GLY A 100 -19.88 -3.33 29.90
C GLY A 100 -18.79 -3.95 30.76
N LYS A 101 -19.01 -5.22 31.11
CA LYS A 101 -18.12 -5.97 31.96
C LYS A 101 -17.22 -6.76 31.00
N TRP A 102 -15.91 -6.76 31.28
CA TRP A 102 -15.01 -7.59 30.51
C TRP A 102 -14.50 -8.73 31.37
N LEU A 103 -14.35 -9.90 30.75
CA LEU A 103 -13.79 -11.06 31.42
C LEU A 103 -12.58 -11.55 30.65
N ALA A 104 -11.59 -12.05 31.36
CA ALA A 104 -10.43 -12.62 30.70
C ALA A 104 -10.54 -14.13 30.66
N VAL A 105 -10.10 -14.74 29.55
CA VAL A 105 -10.11 -16.19 29.35
C VAL A 105 -8.96 -16.85 30.10
N THR A 106 -9.28 -17.89 30.90
CA THR A 106 -8.25 -18.60 31.64
C THR A 106 -7.65 -19.75 30.82
N ASN A 107 -6.54 -20.30 31.32
CA ASN A 107 -5.91 -21.43 30.65
C ASN A 107 -6.82 -22.65 30.62
N ASP A 108 -7.78 -22.75 31.54
CA ASP A 108 -8.65 -23.92 31.53
C ASP A 108 -10.03 -23.59 30.97
N GLY A 109 -10.15 -22.50 30.22
CA GLY A 109 -11.36 -22.28 29.44
C GLY A 109 -12.51 -21.71 30.28
N LYS A 110 -12.19 -21.01 31.37
CA LYS A 110 -13.14 -20.30 32.19
C LYS A 110 -12.94 -18.79 32.02
N LEU A 111 -13.80 -18.03 32.71
CA LEU A 111 -13.78 -16.58 32.59
C LEU A 111 -13.41 -15.95 33.92
N GLU A 112 -12.39 -15.08 33.92
CA GLU A 112 -11.93 -14.38 35.11
C GLU A 112 -12.46 -12.95 35.13
N GLU A 113 -13.31 -12.63 36.12
CA GLU A 113 -13.82 -11.28 36.29
C GLU A 113 -12.79 -10.36 36.91
N ASP A 114 -11.91 -10.91 37.77
CA ASP A 114 -11.05 -10.09 38.59
C ASP A 114 -9.67 -10.03 37.95
N TRP A 115 -9.60 -9.58 36.69
CA TRP A 115 -8.36 -9.58 35.93
C TRP A 115 -7.43 -8.46 36.41
N LYS A 116 -7.92 -7.53 37.25
CA LYS A 116 -7.04 -6.48 37.72
C LYS A 116 -6.02 -7.03 38.72
N ASP A 117 -6.27 -8.24 39.22
CA ASP A 117 -5.40 -8.89 40.20
C ASP A 117 -4.25 -9.58 39.49
N PRO A 118 -2.98 -9.12 39.68
CA PRO A 118 -1.86 -9.62 38.89
C PRO A 118 -1.56 -11.09 39.12
N GLU A 119 -1.87 -11.58 40.33
CA GLU A 119 -1.69 -12.98 40.62
C GLU A 119 -2.66 -13.82 39.79
N LYS A 120 -3.94 -13.40 39.71
CA LYS A 120 -4.93 -14.13 38.92
C LYS A 120 -4.64 -14.07 37.41
N ARG A 121 -3.91 -13.04 36.99
CA ARG A 121 -3.54 -12.88 35.58
C ARG A 121 -2.54 -13.95 35.15
N LYS A 122 -1.87 -14.57 36.15
CA LYS A 122 -0.92 -15.62 35.81
C LYS A 122 -1.57 -16.89 35.26
N ASN A 123 -2.86 -17.16 35.48
N ASN A 123 -2.90 -16.99 35.47
CA ASN A 123 -3.44 -18.35 34.84
CA ASN A 123 -3.73 -18.14 35.13
C ASN A 123 -4.41 -17.95 33.74
C ASN A 123 -4.28 -18.00 33.70
N LEU A 124 -4.12 -16.81 33.09
CA LEU A 124 -4.88 -16.44 31.89
C LEU A 124 -4.25 -17.01 30.63
N LYS A 125 -5.09 -17.35 29.67
CA LYS A 125 -4.68 -17.72 28.32
C LYS A 125 -3.84 -16.60 27.68
N LYS A 126 -2.66 -16.98 27.17
CA LYS A 126 -1.79 -16.09 26.42
C LYS A 126 -1.60 -16.67 25.03
N LEU A 127 -2.23 -16.06 24.04
CA LEU A 127 -2.02 -16.52 22.67
C LEU A 127 -0.65 -15.99 22.21
N GLY A 128 0.09 -16.87 21.53
CA GLY A 128 1.47 -16.59 21.14
C GLY A 128 1.58 -15.92 19.78
N GLY A 129 2.77 -15.43 19.48
CA GLY A 129 3.08 -14.84 18.19
C GLY A 129 2.63 -13.39 18.05
N ILE A 130 2.90 -12.82 16.89
CA ILE A 130 2.33 -11.55 16.52
C ILE A 130 1.00 -11.84 15.85
N MET A 131 -0.06 -11.23 16.40
CA MET A 131 -1.41 -11.48 15.99
C MET A 131 -1.93 -10.31 15.16
N ARG A 132 -2.81 -10.65 14.19
CA ARG A 132 -3.65 -9.67 13.52
C ARG A 132 -5.09 -9.81 13.98
N THR A 133 -6.05 -9.78 13.07
CA THR A 133 -7.44 -9.52 13.42
C THR A 133 -8.25 -10.80 13.59
N PRO A 134 -8.88 -11.03 14.75
CA PRO A 134 -9.85 -12.11 14.91
C PRO A 134 -10.89 -11.98 13.80
N VAL A 135 -11.28 -13.12 13.20
CA VAL A 135 -12.33 -13.11 12.19
C VAL A 135 -13.28 -14.27 12.49
N PHE A 136 -14.59 -13.96 12.56
CA PHE A 136 -15.63 -14.98 12.78
C PHE A 136 -16.01 -15.56 11.42
N VAL A 137 -15.99 -16.89 11.32
CA VAL A 137 -16.27 -17.61 10.07
C VAL A 137 -17.33 -18.69 10.34
N ASN A 138 -17.82 -19.31 9.25
CA ASN A 138 -18.75 -20.43 9.33
C ASN A 138 -20.00 -20.00 10.12
N LYS A 139 -20.64 -18.96 9.57
CA LYS A 139 -21.81 -18.32 10.12
C LYS A 139 -21.63 -18.02 11.59
N GLY A 140 -20.44 -17.49 11.93
CA GLY A 140 -20.17 -16.94 13.25
C GLY A 140 -19.80 -17.98 14.29
N ARG A 141 -19.69 -19.24 13.91
CA ARG A 141 -19.54 -20.30 14.87
C ARG A 141 -18.08 -20.57 15.22
N ARG A 142 -17.14 -19.95 14.48
CA ARG A 142 -15.73 -20.16 14.76
C ARG A 142 -15.03 -18.82 14.69
N VAL A 143 -14.08 -18.57 15.60
CA VAL A 143 -13.24 -17.38 15.44
C VAL A 143 -11.80 -17.83 15.26
N ILE A 144 -11.12 -17.26 14.24
CA ILE A 144 -9.71 -17.54 14.06
C ILE A 144 -8.91 -16.24 14.14
N VAL A 145 -7.68 -16.37 14.66
CA VAL A 145 -6.78 -15.23 14.77
C VAL A 145 -5.48 -15.56 14.05
N PRO A 146 -5.10 -14.84 12.97
CA PRO A 146 -3.81 -15.09 12.33
C PRO A 146 -2.67 -14.71 13.29
N PHE A 147 -1.64 -15.54 13.36
CA PHE A 147 -0.44 -15.20 14.10
C PHE A 147 0.80 -15.64 13.34
N HIS A 148 1.92 -14.94 13.57
CA HIS A 148 3.13 -15.37 12.90
C HIS A 148 4.35 -15.31 13.80
N ASN A 149 5.35 -16.02 13.31
CA ASN A 149 6.77 -15.99 13.64
C ASN A 149 7.49 -15.51 12.36
N MET A 150 8.45 -14.61 12.50
CA MET A 150 8.94 -13.90 11.33
C MET A 150 9.57 -14.85 10.31
N GLY A 151 10.23 -15.91 10.83
CA GLY A 151 10.97 -16.91 10.09
C GLY A 151 10.15 -18.15 9.74
N GLY A 152 9.16 -18.48 10.60
CA GLY A 152 8.39 -19.72 10.54
C GLY A 152 7.04 -19.64 9.82
N GLY A 153 6.46 -18.45 9.73
CA GLY A 153 5.27 -18.27 8.91
C GLY A 153 4.04 -18.04 9.77
N THR A 154 2.88 -17.96 9.10
CA THR A 154 1.60 -17.68 9.70
C THR A 154 0.88 -19.01 9.98
N LYS A 155 0.30 -19.12 11.17
CA LYS A 155 -0.73 -20.08 11.49
C LYS A 155 -1.93 -19.37 12.14
N PHE A 156 -2.88 -20.13 12.67
CA PHE A 156 -4.11 -19.55 13.17
C PHE A 156 -4.44 -20.16 14.52
N HIS A 157 -4.75 -19.24 15.45
CA HIS A 157 -5.38 -19.63 16.71
C HIS A 157 -6.88 -19.76 16.42
N ILE A 158 -7.47 -20.88 16.81
CA ILE A 158 -8.84 -21.22 16.42
C ILE A 158 -9.61 -21.54 17.70
N SER A 159 -10.77 -20.90 17.86
CA SER A 159 -11.74 -21.26 18.92
C SER A 159 -13.13 -21.54 18.31
N ASP A 160 -13.77 -22.62 18.77
CA ASP A 160 -15.11 -22.97 18.33
C ASP A 160 -16.11 -22.67 19.45
N ASP A 161 -15.70 -21.95 20.49
CA ASP A 161 -16.65 -21.63 21.55
C ASP A 161 -16.57 -20.15 21.94
N GLY A 162 -16.41 -19.27 20.94
CA GLY A 162 -16.49 -17.83 21.15
C GLY A 162 -15.23 -17.23 21.82
N GLY A 163 -14.16 -18.03 21.92
CA GLY A 163 -12.90 -17.56 22.49
C GLY A 163 -12.53 -18.15 23.86
N LEU A 164 -13.30 -19.13 24.38
CA LEU A 164 -13.01 -19.72 25.68
C LEU A 164 -11.89 -20.73 25.62
N THR A 165 -11.90 -21.59 24.59
CA THR A 165 -10.84 -22.57 24.40
C THR A 165 -10.29 -22.51 22.98
N TRP A 166 -9.00 -22.84 22.85
CA TRP A 166 -8.25 -22.60 21.62
C TRP A 166 -7.44 -23.83 21.20
N HIS A 167 -7.19 -23.92 19.88
CA HIS A 167 -6.17 -24.81 19.31
C HIS A 167 -5.51 -24.10 18.13
N VAL A 168 -4.46 -24.70 17.58
CA VAL A 168 -3.72 -24.09 16.49
C VAL A 168 -4.03 -24.85 15.21
N SER A 169 -4.12 -24.12 14.10
CA SER A 169 -4.19 -24.75 12.80
C SER A 169 -3.03 -25.74 12.59
N ARG A 170 -3.24 -26.69 11.67
CA ARG A 170 -2.24 -27.70 11.40
C ARG A 170 -1.12 -27.11 10.56
N ASN A 171 -1.44 -26.10 9.72
CA ASN A 171 -0.45 -25.38 8.94
C ASN A 171 -1.01 -23.99 8.68
N GLY A 172 -0.41 -23.24 7.74
CA GLY A 172 -0.83 -21.87 7.54
C GLY A 172 -0.37 -21.30 6.20
N VAL A 173 0.39 -20.20 6.26
CA VAL A 173 0.90 -19.61 5.05
C VAL A 173 2.41 -19.44 5.23
N THR A 174 3.14 -19.71 4.14
CA THR A 174 4.58 -19.47 4.06
C THR A 174 4.87 -18.83 2.72
N SER A 175 6.09 -18.29 2.60
CA SER A 175 6.52 -17.65 1.37
C SER A 175 8.04 -17.74 1.32
N PRO A 176 8.61 -17.71 0.11
CA PRO A 176 10.04 -17.91 -0.04
C PRO A 176 10.91 -16.71 0.33
N ARG A 177 12.15 -17.00 0.71
CA ARG A 177 13.20 -15.99 0.84
C ARG A 177 13.42 -15.26 -0.49
N HIS A 178 13.88 -14.02 -0.34
CA HIS A 178 14.26 -13.17 -1.46
C HIS A 178 15.67 -13.58 -1.87
N GLU A 179 15.93 -13.48 -3.19
CA GLU A 179 17.26 -13.72 -3.75
C GLU A 179 17.84 -12.43 -4.30
N ALA A 180 19.11 -12.19 -4.00
CA ALA A 180 19.83 -11.01 -4.46
C ALA A 180 20.24 -11.15 -5.93
N ARG A 181 19.29 -11.35 -6.84
CA ARG A 181 19.56 -11.24 -8.27
C ARG A 181 19.49 -9.77 -8.72
N PRO A 182 20.21 -9.38 -9.79
CA PRO A 182 20.10 -8.03 -10.32
C PRO A 182 18.64 -7.66 -10.54
N PRO A 183 18.25 -6.40 -10.23
CA PRO A 183 19.18 -5.33 -9.86
C PRO A 183 19.55 -5.18 -8.37
N HIS A 184 19.13 -6.15 -7.56
CA HIS A 184 19.48 -6.15 -6.15
C HIS A 184 20.97 -6.38 -5.96
N GLN A 185 21.54 -5.69 -4.96
CA GLN A 185 22.91 -5.95 -4.56
C GLN A 185 22.99 -6.66 -3.21
N GLY A 186 21.85 -7.10 -2.70
CA GLY A 186 21.80 -7.75 -1.40
C GLY A 186 20.40 -8.29 -1.18
N VAL A 187 20.16 -8.85 0.00
CA VAL A 187 18.92 -9.57 0.27
C VAL A 187 17.95 -8.70 1.08
N ARG A 188 16.67 -8.73 0.67
CA ARG A 188 15.59 -8.14 1.48
C ARG A 188 15.41 -8.92 2.78
N TRP A 189 15.03 -8.18 3.83
CA TRP A 189 14.62 -8.76 5.09
C TRP A 189 13.68 -9.90 4.78
N PHE A 190 13.94 -11.06 5.41
CA PHE A 190 13.09 -12.23 5.22
C PHE A 190 11.90 -12.13 6.16
N ASN A 191 10.70 -12.17 5.57
CA ASN A 191 9.48 -12.35 6.31
C ASN A 191 8.74 -13.51 5.66
N ASN A 192 8.40 -14.52 6.47
CA ASN A 192 7.78 -15.72 5.96
C ASN A 192 6.25 -15.58 6.10
N ALA A 193 5.62 -15.07 5.04
CA ALA A 193 4.18 -14.89 4.94
C ALA A 193 3.58 -14.44 6.27
N VAL A 194 3.92 -13.21 6.69
CA VAL A 194 3.50 -12.66 7.97
C VAL A 194 2.31 -11.72 7.81
N GLU A 195 1.72 -11.34 8.95
CA GLU A 195 0.73 -10.26 8.99
C GLU A 195 -0.43 -10.55 8.04
N ALA A 196 -0.99 -11.76 8.14
CA ALA A 196 -2.07 -12.14 7.24
C ALA A 196 -3.37 -11.44 7.55
N THR A 197 -4.15 -11.22 6.48
CA THR A 197 -5.54 -10.84 6.54
C THR A 197 -6.34 -12.01 5.95
N VAL A 198 -7.52 -12.26 6.51
CA VAL A 198 -8.30 -13.41 6.09
C VAL A 198 -9.68 -12.92 5.72
N LEU A 199 -10.18 -13.45 4.59
CA LEU A 199 -11.57 -13.24 4.19
C LEU A 199 -12.25 -14.58 3.94
N GLU A 200 -13.48 -14.66 4.44
CA GLU A 200 -14.36 -15.78 4.09
C GLU A 200 -15.06 -15.46 2.78
N MET A 201 -14.87 -16.34 1.81
CA MET A 201 -15.50 -16.21 0.52
C MET A 201 -16.95 -16.67 0.66
N LYS A 202 -17.78 -16.35 -0.32
CA LYS A 202 -19.20 -16.68 -0.23
C LYS A 202 -19.40 -18.20 -0.19
N ASP A 203 -18.51 -19.00 -0.77
CA ASP A 203 -18.71 -20.44 -0.69
C ASP A 203 -18.13 -21.06 0.58
N GLY A 204 -17.57 -20.25 1.49
CA GLY A 204 -17.01 -20.79 2.71
C GLY A 204 -15.50 -20.93 2.70
N THR A 205 -14.86 -20.92 1.52
CA THR A 205 -13.40 -20.96 1.46
C THR A 205 -12.85 -19.75 2.23
N LEU A 206 -11.76 -19.95 3.00
CA LEU A 206 -11.01 -18.82 3.55
C LEU A 206 -9.82 -18.50 2.65
N TRP A 207 -9.63 -17.21 2.43
CA TRP A 207 -8.52 -16.68 1.65
C TRP A 207 -7.62 -15.92 2.61
N ALA A 208 -6.36 -16.35 2.70
CA ALA A 208 -5.38 -15.67 3.52
C ALA A 208 -4.38 -14.98 2.59
N LEU A 209 -4.13 -13.69 2.87
CA LEU A 209 -3.23 -12.89 2.07
C LEU A 209 -2.19 -12.29 3.02
N ALA A 210 -0.90 -12.46 2.71
CA ALA A 210 0.16 -12.22 3.66
C ALA A 210 1.31 -11.44 3.02
N ARG A 211 1.99 -10.71 3.90
CA ARG A 211 3.17 -9.91 3.62
C ARG A 211 4.42 -10.79 3.46
N THR A 212 5.23 -10.48 2.44
CA THR A 212 6.39 -11.30 2.10
C THR A 212 7.62 -10.45 1.79
N SER A 213 8.70 -11.14 1.44
CA SER A 213 9.91 -10.55 0.93
C SER A 213 9.93 -10.51 -0.59
N GLN A 214 8.87 -11.02 -1.23
CA GLN A 214 8.75 -11.06 -2.69
C GLN A 214 8.15 -9.75 -3.20
N ASP A 215 7.96 -9.66 -4.52
CA ASP A 215 7.45 -8.46 -5.17
C ASP A 215 5.96 -8.28 -4.89
N GLN A 216 5.28 -9.33 -4.41
CA GLN A 216 3.87 -9.31 -4.14
C GLN A 216 3.56 -10.07 -2.85
N ALA A 217 2.39 -9.79 -2.28
CA ALA A 217 1.80 -10.60 -1.21
C ALA A 217 1.58 -12.03 -1.71
N TRP A 218 1.68 -13.00 -0.81
CA TRP A 218 1.37 -14.38 -1.12
C TRP A 218 0.07 -14.79 -0.44
N GLN A 219 -0.52 -15.88 -0.90
CA GLN A 219 -1.84 -16.28 -0.45
C GLN A 219 -1.92 -17.80 -0.32
N ALA A 220 -2.93 -18.23 0.44
CA ALA A 220 -3.34 -19.62 0.55
C ALA A 220 -4.80 -19.68 0.90
N PHE A 221 -5.37 -20.88 0.78
CA PHE A 221 -6.80 -21.07 0.92
C PHE A 221 -7.12 -22.25 1.82
N SER A 222 -8.24 -22.14 2.56
CA SER A 222 -8.67 -23.18 3.45
C SER A 222 -10.12 -23.55 3.10
N LYS A 223 -10.34 -24.86 2.98
CA LYS A 223 -11.67 -25.44 2.79
C LYS A 223 -12.27 -26.00 4.08
N ASP A 224 -11.56 -25.87 5.21
CA ASP A 224 -12.07 -26.37 6.47
C ASP A 224 -12.08 -25.29 7.55
N TYR A 225 -12.38 -24.03 7.16
CA TYR A 225 -12.46 -22.89 8.07
C TYR A 225 -11.19 -22.76 8.92
N GLY A 226 -10.04 -23.00 8.28
CA GLY A 226 -8.75 -22.55 8.78
C GLY A 226 -7.93 -23.62 9.49
N GLU A 227 -8.42 -24.87 9.52
CA GLU A 227 -7.65 -25.96 10.09
C GLU A 227 -6.44 -26.29 9.22
N THR A 228 -6.66 -26.35 7.91
CA THR A 228 -5.59 -26.68 6.99
C THR A 228 -5.67 -25.77 5.76
N TRP A 229 -4.51 -25.58 5.14
CA TRP A 229 -4.36 -24.57 4.10
C TRP A 229 -3.61 -25.15 2.92
N SER A 230 -3.94 -24.65 1.75
CA SER A 230 -3.31 -25.07 0.50
C SER A 230 -1.84 -24.64 0.44
N LYS A 231 -1.15 -25.17 -0.57
CA LYS A 231 0.17 -24.71 -0.97
C LYS A 231 0.12 -23.20 -1.28
N PRO A 232 1.03 -22.40 -0.71
CA PRO A 232 1.02 -20.95 -0.94
C PRO A 232 1.49 -20.58 -2.34
N GLU A 233 0.97 -19.45 -2.84
CA GLU A 233 1.25 -18.97 -4.18
C GLU A 233 1.29 -17.44 -4.17
N PRO A 234 1.93 -16.80 -5.17
CA PRO A 234 1.87 -15.34 -5.31
C PRO A 234 0.46 -14.87 -5.52
N SER A 235 0.09 -13.76 -4.85
CA SER A 235 -1.14 -13.07 -5.12
C SER A 235 -1.00 -12.05 -6.25
N ARG A 236 -2.13 -11.44 -6.60
CA ARG A 236 -2.15 -10.39 -7.63
C ARG A 236 -1.78 -9.02 -7.01
N PHE A 237 -1.64 -8.93 -5.68
CA PHE A 237 -1.44 -7.64 -5.04
C PHE A 237 0.05 -7.39 -4.79
N PHE A 238 0.62 -6.51 -5.60
CA PHE A 238 2.03 -6.17 -5.50
C PHE A 238 2.34 -5.48 -4.19
N GLY A 239 3.58 -5.63 -3.74
CA GLY A 239 4.02 -5.01 -2.52
C GLY A 239 4.93 -5.96 -1.73
N THR A 240 5.84 -5.36 -0.97
CA THR A 240 6.94 -6.05 -0.30
C THR A 240 7.05 -5.48 1.11
N LEU A 241 6.97 -6.36 2.13
CA LEU A 241 7.20 -5.99 3.51
C LEU A 241 6.21 -4.91 3.97
N THR A 242 5.02 -4.89 3.31
CA THR A 242 3.89 -4.02 3.64
C THR A 242 2.64 -4.89 3.83
N MET A 243 1.54 -4.30 4.30
CA MET A 243 0.46 -5.06 4.86
C MET A 243 -0.81 -4.96 4.00
N ASN A 244 -1.57 -6.05 4.03
CA ASN A 244 -2.81 -6.23 3.27
C ASN A 244 -3.98 -6.24 4.24
N THR A 245 -5.12 -5.68 3.82
CA THR A 245 -6.36 -5.88 4.56
C THR A 245 -7.48 -6.17 3.56
N LEU A 246 -8.25 -7.22 3.86
CA LEU A 246 -9.42 -7.58 3.08
C LEU A 246 -10.67 -7.34 3.88
N GLY A 247 -11.72 -6.91 3.19
CA GLY A 247 -13.01 -6.75 3.80
C GLY A 247 -14.14 -6.90 2.80
N ARG A 248 -15.36 -6.86 3.33
CA ARG A 248 -16.55 -7.12 2.50
C ARG A 248 -17.61 -6.09 2.85
N LEU A 249 -18.21 -5.48 1.82
CA LEU A 249 -19.30 -4.54 2.04
C LEU A 249 -20.63 -5.29 2.20
N ASP A 250 -21.65 -4.55 2.66
CA ASP A 250 -22.97 -5.11 2.95
C ASP A 250 -23.55 -5.80 1.74
N ASP A 251 -23.33 -5.28 0.54
CA ASP A 251 -23.85 -5.86 -0.70
C ASP A 251 -23.00 -7.03 -1.22
N GLY A 252 -21.93 -7.39 -0.52
CA GLY A 252 -21.14 -8.54 -0.96
C GLY A 252 -19.82 -8.20 -1.65
N THR A 253 -19.62 -6.93 -2.05
CA THR A 253 -18.42 -6.53 -2.77
C THR A 253 -17.21 -6.67 -1.84
N ILE A 254 -16.11 -7.18 -2.40
CA ILE A 254 -14.91 -7.39 -1.62
C ILE A 254 -14.02 -6.15 -1.80
N VAL A 255 -13.35 -5.74 -0.73
CA VAL A 255 -12.42 -4.63 -0.78
C VAL A 255 -11.05 -5.14 -0.40
N SER A 256 -10.04 -4.77 -1.19
CA SER A 256 -8.64 -5.03 -0.91
C SER A 256 -7.93 -3.70 -0.69
N LEU A 257 -7.24 -3.56 0.46
CA LEU A 257 -6.46 -2.37 0.80
C LEU A 257 -5.02 -2.84 0.96
N TRP A 258 -4.07 -2.11 0.40
CA TRP A 258 -2.67 -2.49 0.50
C TRP A 258 -1.82 -1.33 0.01
N THR A 259 -0.50 -1.46 0.18
CA THR A 259 0.45 -0.50 -0.36
C THR A 259 1.01 -1.01 -1.68
N ASN A 260 0.48 -0.49 -2.79
CA ASN A 260 0.81 -1.00 -4.11
C ASN A 260 2.07 -0.32 -4.65
N THR A 261 3.22 -0.70 -4.08
CA THR A 261 4.50 -0.13 -4.44
C THR A 261 5.53 -1.19 -4.80
N MET A 262 6.56 -0.72 -5.49
CA MET A 262 7.79 -1.49 -5.65
C MET A 262 8.93 -0.70 -4.99
N ALA A 263 9.57 -1.32 -4.00
CA ALA A 263 10.75 -0.75 -3.36
C ALA A 263 11.87 -0.57 -4.37
N LEU A 264 12.79 0.35 -4.05
CA LEU A 264 14.08 0.42 -4.73
C LEU A 264 14.84 -0.91 -4.54
N PRO A 265 15.69 -1.28 -5.50
CA PRO A 265 16.50 -2.49 -5.34
C PRO A 265 17.39 -2.34 -4.10
N GLU A 266 17.66 -3.47 -3.45
CA GLU A 266 18.59 -3.51 -2.32
C GLU A 266 19.97 -3.05 -2.78
N ASN A 267 20.65 -2.38 -1.85
CA ASN A 267 21.98 -1.84 -2.10
C ASN A 267 23.05 -2.81 -1.56
N ALA A 268 24.32 -2.45 -1.76
CA ALA A 268 25.46 -3.29 -1.41
C ALA A 268 25.61 -3.47 0.10
N THR A 269 24.90 -2.68 0.92
CA THR A 269 25.02 -2.82 2.37
C THR A 269 24.00 -3.83 2.91
N ALA A 270 23.02 -4.24 2.11
CA ALA A 270 21.97 -5.13 2.55
C ALA A 270 22.55 -6.48 2.95
N GLY A 271 21.90 -7.10 3.95
CA GLY A 271 22.35 -8.34 4.55
C GLY A 271 21.80 -9.59 3.86
N ASN A 272 21.43 -10.60 4.66
CA ASN A 272 21.19 -11.93 4.13
C ASN A 272 19.75 -12.35 4.44
N GLY A 273 18.97 -11.41 4.95
CA GLY A 273 17.58 -11.66 5.28
C GLY A 273 17.27 -11.48 6.77
N THR A 274 18.33 -11.30 7.60
CA THR A 274 18.15 -11.22 9.03
C THR A 274 17.46 -9.93 9.46
N TRP A 275 17.72 -8.84 8.74
CA TRP A 275 17.33 -7.51 9.17
C TRP A 275 17.22 -6.63 7.92
N GLU A 276 16.30 -5.69 7.91
CA GLU A 276 16.16 -4.83 6.74
C GLU A 276 17.24 -3.75 6.74
N ASP A 277 17.36 -3.09 5.59
CA ASP A 277 18.25 -1.95 5.42
C ASP A 277 17.40 -0.69 5.60
N VAL A 278 16.56 -0.41 4.58
N VAL A 278 16.63 -0.33 4.55
CA VAL A 278 15.79 0.81 4.50
CA VAL A 278 15.76 0.83 4.56
C VAL A 278 14.46 0.51 3.81
C VAL A 278 14.45 0.50 3.84
N PHE A 279 13.40 1.23 4.21
CA PHE A 279 12.13 1.20 3.53
C PHE A 279 12.05 2.34 2.52
N THR A 280 11.77 1.96 1.27
CA THR A 280 11.60 2.92 0.18
C THR A 280 10.24 2.75 -0.51
N ASN A 281 9.22 2.30 0.21
CA ASN A 281 8.03 1.80 -0.43
C ASN A 281 6.78 1.98 0.41
N ARG A 282 6.74 2.91 1.38
CA ARG A 282 5.58 3.01 2.24
C ARG A 282 4.92 4.40 2.22
N ASP A 283 4.89 5.06 1.06
CA ASP A 283 4.38 6.42 1.00
C ASP A 283 3.07 6.50 0.21
N SER A 284 2.26 5.44 0.28
CA SER A 284 0.99 5.38 -0.41
C SER A 284 0.16 4.25 0.17
N HIS A 285 -1.16 4.30 -0.09
CA HIS A 285 -2.03 3.17 0.17
C HIS A 285 -3.07 3.16 -0.94
N HIS A 286 -3.54 1.95 -1.30
CA HIS A 286 -4.37 1.74 -2.48
C HIS A 286 -5.61 0.90 -2.15
N ILE A 287 -6.60 0.97 -3.05
CA ILE A 287 -7.84 0.22 -2.89
C ILE A 287 -8.22 -0.41 -4.23
N ALA A 288 -8.69 -1.68 -4.17
CA ALA A 288 -9.31 -2.36 -5.30
C ALA A 288 -10.55 -3.08 -4.79
N MET A 289 -11.52 -3.28 -5.66
CA MET A 289 -12.77 -3.90 -5.28
C MET A 289 -13.11 -4.99 -6.29
N SER A 290 -13.92 -5.97 -5.83
CA SER A 290 -14.40 -7.02 -6.70
C SER A 290 -15.85 -7.36 -6.35
N GLY A 291 -16.70 -7.42 -7.38
CA GLY A 291 -18.07 -7.83 -7.19
C GLY A 291 -18.37 -9.30 -7.52
N ASP A 292 -17.35 -10.10 -7.79
CA ASP A 292 -17.55 -11.49 -8.19
C ASP A 292 -16.56 -12.45 -7.50
N GLU A 293 -16.40 -12.27 -6.20
CA GLU A 293 -15.58 -13.17 -5.42
C GLU A 293 -14.17 -13.24 -5.99
N GLY A 294 -13.67 -12.09 -6.46
CA GLY A 294 -12.27 -11.95 -6.80
C GLY A 294 -11.88 -12.45 -8.19
N LYS A 295 -12.84 -12.82 -9.04
CA LYS A 295 -12.51 -13.22 -10.41
C LYS A 295 -12.10 -11.98 -11.22
N THR A 296 -12.69 -10.81 -10.92
CA THR A 296 -12.24 -9.57 -11.54
C THR A 296 -12.17 -8.45 -10.50
N TRP A 297 -11.24 -7.52 -10.74
CA TRP A 297 -10.97 -6.42 -9.82
C TRP A 297 -10.95 -5.11 -10.57
N TYR A 298 -11.29 -4.04 -9.88
CA TYR A 298 -11.24 -2.70 -10.42
C TYR A 298 -10.74 -1.73 -9.37
N GLY A 299 -10.25 -0.59 -9.85
CA GLY A 299 -9.74 0.45 -8.98
C GLY A 299 -8.21 0.45 -9.03
N PHE A 300 -7.56 -0.14 -8.04
CA PHE A 300 -6.12 0.00 -7.88
C PHE A 300 -5.75 1.49 -7.79
N ARG A 301 -6.61 2.27 -7.15
CA ARG A 301 -6.43 3.69 -6.98
C ARG A 301 -5.69 4.03 -5.69
N GLU A 302 -4.84 5.07 -5.76
CA GLU A 302 -4.25 5.65 -4.57
C GLU A 302 -5.30 6.35 -3.73
N ILE A 303 -5.35 5.96 -2.46
CA ILE A 303 -6.22 6.59 -1.50
C ILE A 303 -5.57 7.91 -1.13
N ILE A 304 -4.22 7.89 -1.04
CA ILE A 304 -3.50 8.99 -0.46
C ILE A 304 -2.03 8.76 -0.74
N LEU A 305 -1.30 9.88 -0.87
CA LEU A 305 0.15 9.88 -0.85
C LEU A 305 0.63 10.51 0.45
N ASP A 306 1.79 10.07 0.92
CA ASP A 306 2.30 10.59 2.17
C ASP A 306 2.73 12.05 2.03
N GLU A 307 2.20 12.91 2.90
CA GLU A 307 2.43 14.35 2.85
C GLU A 307 3.89 14.76 3.02
N HIS A 308 4.65 13.92 3.72
CA HIS A 308 6.04 14.20 4.07
C HIS A 308 7.02 13.53 3.10
N ARG A 309 6.51 12.94 2.02
CA ARG A 309 7.31 12.06 1.19
C ARG A 309 8.55 12.76 0.60
N ASN A 310 8.48 14.09 0.36
CA ASN A 310 9.57 14.80 -0.30
C ASN A 310 10.51 15.50 0.68
N HIS A 311 10.34 15.22 1.96
CA HIS A 311 10.93 16.05 3.03
C HIS A 311 12.33 15.60 3.44
N PRO A 312 13.35 16.50 3.45
CA PRO A 312 14.68 16.16 3.92
C PRO A 312 14.80 15.86 5.43
N GLY A 313 13.72 16.10 6.18
CA GLY A 313 13.60 15.74 7.58
C GLY A 313 12.60 14.62 7.85
N TYR A 314 12.25 13.83 6.82
CA TYR A 314 11.26 12.77 6.92
C TYR A 314 11.48 11.85 8.13
N ALA A 315 12.72 11.43 8.35
CA ALA A 315 12.97 10.51 9.45
C ALA A 315 13.63 11.17 10.65
N THR A 316 13.84 12.49 10.58
CA THR A 316 14.77 13.18 11.47
C THR A 316 14.30 13.01 12.91
N LEU A 317 12.98 13.18 13.14
CA LEU A 317 12.41 13.02 14.47
C LEU A 317 12.01 11.55 14.64
N ASP A 318 12.01 11.07 15.90
CA ASP A 318 11.50 9.74 16.25
C ASP A 318 12.12 8.66 15.39
N GLY A 319 13.45 8.78 15.16
CA GLY A 319 14.23 7.92 14.28
C GLY A 319 13.85 6.43 14.32
N PRO A 320 13.66 5.82 15.51
CA PRO A 320 13.27 4.40 15.55
C PRO A 320 11.83 4.01 15.17
N GLU A 321 10.94 4.97 14.91
CA GLU A 321 9.55 4.62 14.77
C GLU A 321 9.16 4.53 13.29
N ASP A 322 8.48 3.43 12.90
CA ASP A 322 7.98 3.25 11.54
C ASP A 322 7.00 4.37 11.19
N ARG A 323 7.04 4.81 9.94
CA ARG A 323 6.22 5.88 9.47
C ARG A 323 5.79 5.62 8.04
N GLY A 324 4.72 6.30 7.66
CA GLY A 324 4.26 6.29 6.28
C GLY A 324 2.77 5.90 6.27
N LYS A 325 2.36 5.30 5.15
CA LYS A 325 0.97 5.02 4.85
C LYS A 325 0.66 3.51 4.79
N ALA A 326 1.56 2.65 5.28
CA ALA A 326 1.27 1.22 5.39
C ALA A 326 0.33 0.94 6.57
N TYR A 327 -0.36 -0.21 6.46
CA TYR A 327 -1.34 -0.78 7.37
C TYR A 327 -2.69 -0.08 7.18
N SER A 328 -3.79 -0.84 7.28
CA SER A 328 -5.09 -0.22 7.21
C SER A 328 -6.14 -1.10 7.87
N GLU A 329 -7.28 -0.49 8.22
CA GLU A 329 -8.45 -1.16 8.72
C GLU A 329 -9.64 -0.36 8.18
N MET A 330 -10.78 -1.01 7.93
N MET A 330 -10.78 -1.02 7.92
CA MET A 330 -11.89 -0.32 7.27
CA MET A 330 -11.89 -0.32 7.27
C MET A 330 -13.22 -0.58 7.96
C MET A 330 -13.22 -0.58 7.98
N VAL A 331 -14.13 0.40 7.87
CA VAL A 331 -15.50 0.26 8.35
C VAL A 331 -16.39 0.91 7.29
N GLN A 332 -17.38 0.16 6.81
CA GLN A 332 -18.33 0.72 5.84
C GLN A 332 -19.16 1.80 6.53
N LEU A 333 -19.40 2.97 5.89
CA LEU A 333 -20.21 4.01 6.51
C LEU A 333 -21.65 4.03 5.97
N ASP A 334 -21.81 3.80 4.67
CA ASP A 334 -23.15 3.72 4.07
C ASP A 334 -22.97 2.98 2.76
N LYS A 335 -23.96 3.04 1.88
CA LYS A 335 -23.87 2.28 0.65
C LYS A 335 -22.61 2.61 -0.16
N ASN A 336 -22.16 3.86 -0.13
CA ASN A 336 -21.11 4.27 -1.05
C ASN A 336 -19.77 4.53 -0.35
N ARG A 337 -19.78 4.75 0.96
CA ARG A 337 -18.63 5.34 1.63
C ARG A 337 -18.04 4.35 2.62
N ILE A 338 -16.71 4.38 2.67
CA ILE A 338 -15.92 3.52 3.53
C ILE A 338 -14.95 4.40 4.30
N LEU A 339 -14.88 4.18 5.61
CA LEU A 339 -13.90 4.81 6.48
C LEU A 339 -12.69 3.87 6.58
N ILE A 340 -11.50 4.41 6.37
CA ILE A 340 -10.26 3.63 6.42
C ILE A 340 -9.30 4.34 7.35
N SER A 341 -8.81 3.61 8.35
CA SER A 341 -7.68 4.06 9.12
C SER A 341 -6.45 3.53 8.42
N LEU A 342 -5.41 4.36 8.23
CA LEU A 342 -4.25 3.83 7.56
C LEU A 342 -3.02 4.57 8.06
N GLY A 343 -1.88 3.92 7.88
CA GLY A 343 -0.59 4.54 8.14
C GLY A 343 -0.05 4.28 9.54
N GLN A 344 1.18 4.78 9.74
CA GLN A 344 2.00 4.58 10.91
C GLN A 344 2.68 5.91 11.27
N HIS A 345 2.80 6.16 12.58
CA HIS A 345 3.42 7.31 13.20
C HIS A 345 2.43 8.46 13.28
N LYS A 346 2.47 9.16 14.42
CA LYS A 346 1.45 10.19 14.70
C LYS A 346 1.40 11.29 13.63
N ASN A 347 2.49 11.55 12.92
CA ASN A 347 2.51 12.60 11.92
C ASN A 347 2.04 12.12 10.54
N HIS A 348 1.78 10.81 10.38
CA HIS A 348 1.51 10.20 9.08
C HIS A 348 0.19 9.43 9.02
N ARG A 349 -0.22 8.82 10.13
CA ARG A 349 -1.45 8.02 10.12
C ARG A 349 -2.68 8.91 9.96
N ARG A 350 -3.70 8.39 9.29
CA ARG A 350 -4.89 9.16 8.97
C ARG A 350 -6.11 8.26 8.97
N LEU A 351 -7.26 8.89 9.22
CA LEU A 351 -8.58 8.33 8.94
C LEU A 351 -9.12 9.07 7.72
N VAL A 352 -9.56 8.31 6.72
CA VAL A 352 -9.89 8.80 5.39
C VAL A 352 -11.23 8.18 5.01
N ILE A 353 -12.10 8.95 4.35
CA ILE A 353 -13.33 8.41 3.79
C ILE A 353 -13.20 8.34 2.26
N VAL A 354 -13.60 7.18 1.74
N VAL A 354 -13.38 7.14 1.71
CA VAL A 354 -13.44 6.83 0.33
CA VAL A 354 -13.40 6.96 0.27
C VAL A 354 -14.78 6.36 -0.21
C VAL A 354 -14.82 6.62 -0.14
N ASP A 355 -15.09 6.79 -1.45
CA ASP A 355 -16.37 6.51 -2.08
C ASP A 355 -16.16 5.45 -3.17
N ARG A 356 -17.01 4.43 -3.18
CA ARG A 356 -16.81 3.30 -4.08
C ARG A 356 -17.03 3.73 -5.53
N ARG A 357 -17.74 4.82 -5.76
CA ARG A 357 -18.01 5.24 -7.14
C ARG A 357 -16.75 5.87 -7.72
N TRP A 358 -15.97 6.50 -6.84
CA TRP A 358 -14.62 6.93 -7.20
C TRP A 358 -13.73 5.72 -7.49
N VAL A 359 -13.84 4.64 -6.72
CA VAL A 359 -13.04 3.46 -7.01
C VAL A 359 -13.35 2.93 -8.41
N GLY A 360 -14.62 3.03 -8.82
CA GLY A 360 -15.08 2.48 -10.08
C GLY A 360 -14.92 3.43 -11.27
N ALA A 361 -14.32 4.59 -11.09
CA ALA A 361 -14.18 5.55 -12.18
C ALA A 361 -13.22 5.02 -13.24
N LYS A 362 -13.41 5.45 -14.50
CA LYS A 362 -12.61 4.93 -15.60
C LYS A 362 -11.72 6.02 -16.22
N THR A 363 -11.77 7.26 -15.70
CA THR A 363 -10.88 8.29 -16.21
C THR A 363 -10.23 9.10 -15.08
N ARG A 364 -9.11 9.72 -15.44
CA ARG A 364 -8.46 10.67 -14.55
C ARG A 364 -7.62 11.60 -15.39
N ALA A 365 -7.42 12.82 -14.88
CA ALA A 365 -6.55 13.76 -15.58
C ALA A 365 -5.80 14.64 -14.58
N THR A 366 -4.67 15.16 -15.03
CA THR A 366 -3.76 15.89 -14.15
C THR A 366 -2.99 16.93 -14.97
N GLN A 367 -2.48 17.94 -14.25
CA GLN A 367 -1.56 18.93 -14.77
C GLN A 367 -0.53 19.12 -13.67
N THR A 368 0.74 18.99 -14.00
CA THR A 368 1.75 18.87 -12.97
C THR A 368 1.74 20.10 -12.05
N GLY A 369 1.72 21.26 -12.66
CA GLY A 369 1.79 22.50 -11.89
C GLY A 369 0.65 22.65 -10.88
N LYS A 370 -0.57 22.23 -11.22
CA LYS A 370 -1.71 22.36 -10.32
C LYS A 370 -1.73 21.23 -9.28
N ASP A 371 -1.23 20.04 -9.65
CA ASP A 371 -1.60 18.81 -8.96
C ASP A 371 -0.41 18.10 -8.33
N LEU A 372 0.78 18.71 -8.36
CA LEU A 372 1.98 18.05 -7.90
C LEU A 372 1.82 17.53 -6.47
N ASP A 373 1.35 18.39 -5.59
CA ASP A 373 1.39 18.10 -4.17
C ASP A 373 0.48 16.91 -3.85
N SER A 374 -0.68 16.86 -4.50
CA SER A 374 -1.69 15.89 -4.12
C SER A 374 -1.56 14.60 -4.90
N GLN A 375 -1.03 14.63 -6.13
CA GLN A 375 -1.15 13.48 -7.01
C GLN A 375 0.18 12.95 -7.55
N TRP A 376 1.29 13.66 -7.36
CA TRP A 376 2.52 13.20 -8.02
C TRP A 376 3.55 12.66 -7.03
N THR A 377 4.15 11.52 -7.37
CA THR A 377 5.29 10.99 -6.65
C THR A 377 6.55 11.38 -7.41
N ILE A 378 7.42 12.16 -6.76
CA ILE A 378 8.60 12.72 -7.40
C ILE A 378 9.82 12.64 -6.53
N HIS A 379 9.73 11.98 -5.38
CA HIS A 379 10.84 12.04 -4.44
C HIS A 379 12.03 11.20 -4.90
N THR A 380 13.21 11.74 -4.59
CA THR A 380 14.44 10.96 -4.54
C THR A 380 14.87 10.89 -3.08
N TYR A 381 15.90 10.09 -2.83
CA TYR A 381 16.40 9.80 -1.49
C TYR A 381 17.84 10.24 -1.40
N ILE A 382 18.18 10.79 -0.24
CA ILE A 382 19.55 10.91 0.23
C ILE A 382 19.95 9.58 0.80
N PRO A 383 20.87 8.83 0.15
CA PRO A 383 21.13 7.45 0.54
C PRO A 383 22.06 7.36 1.74
N GLN A 384 21.64 7.95 2.85
CA GLN A 384 22.34 7.87 4.13
C GLN A 384 21.30 7.39 5.14
N LYS A 385 21.55 6.25 5.76
CA LYS A 385 20.55 5.66 6.64
C LYS A 385 20.24 6.60 7.80
N LYS A 386 18.95 6.72 8.12
CA LYS A 386 18.45 7.60 9.16
C LYS A 386 17.53 6.81 10.07
N GLY A 387 17.69 7.03 11.36
CA GLY A 387 16.93 6.29 12.37
C GLY A 387 17.12 4.79 12.19
N HIS A 388 16.03 4.04 12.37
CA HIS A 388 16.12 2.59 12.35
C HIS A 388 16.26 2.06 10.93
N CYS A 389 15.49 2.63 9.98
CA CYS A 389 15.39 2.05 8.66
C CYS A 389 14.87 3.04 7.62
N SER A 390 15.22 4.33 7.73
CA SER A 390 14.64 5.32 6.85
C SER A 390 15.71 6.03 6.02
N TYR A 391 15.26 6.69 4.95
CA TYR A 391 16.05 7.69 4.26
C TYR A 391 15.29 9.01 4.29
N ASN A 392 16.03 10.12 4.36
CA ASN A 392 15.44 11.43 4.14
C ASN A 392 15.39 11.66 2.64
N ARG A 393 14.58 12.62 2.22
CA ARG A 393 14.29 12.79 0.80
C ARG A 393 14.51 14.23 0.34
N LYS A 394 14.45 14.36 -0.99
CA LYS A 394 14.28 15.65 -1.66
C LYS A 394 13.30 15.45 -2.81
N PRO A 395 12.61 16.51 -3.28
CA PRO A 395 11.92 16.42 -4.57
C PRO A 395 12.95 16.22 -5.67
N SER A 396 12.69 15.31 -6.62
CA SER A 396 13.69 15.04 -7.66
C SER A 396 13.46 15.92 -8.90
N ALA A 397 12.38 16.69 -8.89
CA ALA A 397 11.99 17.51 -10.03
C ALA A 397 11.30 18.76 -9.47
N GLU A 398 11.35 19.87 -10.20
CA GLU A 398 10.69 21.09 -9.73
C GLU A 398 9.90 21.70 -10.87
N LEU A 399 8.96 22.55 -10.46
CA LEU A 399 8.09 23.25 -11.37
C LEU A 399 8.82 24.49 -11.88
N VAL A 400 8.60 24.78 -13.16
CA VAL A 400 9.16 25.95 -13.81
C VAL A 400 8.06 26.54 -14.67
N GLN A 401 8.24 27.81 -15.09
CA GLN A 401 7.33 28.48 -16.03
C GLN A 401 7.24 27.74 -17.36
N ASP A 402 6.02 27.58 -17.91
CA ASP A 402 5.86 27.11 -19.27
C ASP A 402 6.52 28.12 -20.19
N PRO A 403 7.53 27.75 -21.01
CA PRO A 403 8.20 28.70 -21.90
C PRO A 403 7.29 29.26 -22.98
N SER A 404 6.11 28.68 -23.17
CA SER A 404 5.15 29.17 -24.14
C SER A 404 4.45 30.44 -23.61
N GLY A 405 4.58 30.70 -22.30
CA GLY A 405 3.84 31.79 -21.67
C GLY A 405 2.65 31.27 -20.87
N GLY A 406 1.74 32.17 -20.51
CA GLY A 406 0.64 31.80 -19.65
C GLY A 406 1.10 31.66 -18.20
N THR A 407 0.22 31.15 -17.35
CA THR A 407 0.52 30.93 -15.93
C THR A 407 0.87 29.48 -15.63
N LYS A 408 0.73 28.61 -16.63
CA LYS A 408 1.04 27.22 -16.45
C LYS A 408 2.47 27.02 -15.90
N LYS A 409 2.58 26.16 -14.87
CA LYS A 409 3.85 25.70 -14.38
C LYS A 409 3.94 24.23 -14.75
N VAL A 410 5.14 23.77 -15.12
CA VAL A 410 5.33 22.44 -15.69
C VAL A 410 6.54 21.82 -14.99
N LEU A 411 6.64 20.49 -15.04
CA LEU A 411 7.63 19.81 -14.22
C LEU A 411 8.88 19.53 -15.05
N GLN A 412 10.04 20.00 -14.57
CA GLN A 412 11.32 19.77 -15.21
C GLN A 412 11.97 18.49 -14.66
N ILE A 413 12.14 17.51 -15.54
CA ILE A 413 12.68 16.19 -15.21
C ILE A 413 14.02 15.99 -15.91
N LYS A 414 15.08 15.87 -15.12
CA LYS A 414 16.44 15.91 -15.60
C LYS A 414 17.35 15.11 -14.67
N ARG A 415 18.59 14.89 -15.13
N ARG A 415 18.58 14.83 -15.14
CA ARG A 415 19.67 14.36 -14.31
CA ARG A 415 19.66 14.37 -14.30
C ARG A 415 20.24 15.49 -13.45
C ARG A 415 20.17 15.53 -13.45
N LEU A 416 20.15 15.32 -12.13
CA LEU A 416 20.49 16.33 -11.17
C LEU A 416 21.99 16.29 -10.93
N ASP A 417 22.50 17.46 -10.58
CA ASP A 417 23.85 17.60 -10.06
C ASP A 417 23.73 17.76 -8.55
N ASP A 418 23.76 16.63 -7.85
CA ASP A 418 23.58 16.68 -6.42
C ASP A 418 24.32 15.51 -5.78
N PRO A 419 25.51 15.74 -5.23
CA PRO A 419 26.27 14.64 -4.64
C PRO A 419 25.62 13.99 -3.42
N GLU A 420 24.67 14.69 -2.78
CA GLU A 420 23.99 14.14 -1.62
C GLU A 420 23.13 12.97 -2.02
N LEU A 421 22.82 12.81 -3.32
CA LEU A 421 21.96 11.71 -3.77
C LEU A 421 22.76 10.47 -4.18
N VAL A 422 24.05 10.43 -3.85
CA VAL A 422 24.92 9.34 -4.24
C VAL A 422 25.56 8.75 -2.99
N ASN A 423 25.73 7.42 -2.99
CA ASN A 423 26.48 6.74 -1.95
C ASN A 423 27.36 5.68 -2.64
N GLU A 424 28.67 5.95 -2.77
CA GLU A 424 29.59 5.07 -3.49
C GLU A 424 29.79 3.74 -2.76
N LYS A 425 29.62 3.71 -1.45
CA LYS A 425 29.84 2.49 -0.70
C LYS A 425 28.64 1.54 -0.80
N SER A 426 27.44 2.10 -0.58
N SER A 426 27.42 2.06 -0.64
CA SER A 426 26.15 1.48 -0.92
CA SER A 426 26.25 1.23 -0.90
C SER A 426 26.09 1.05 -2.38
C SER A 426 25.95 1.13 -2.41
N ASN A 427 26.74 1.85 -3.22
CA ASN A 427 26.77 1.68 -4.66
C ASN A 427 25.42 2.02 -5.29
N VAL A 428 24.85 3.16 -4.91
CA VAL A 428 23.62 3.64 -5.49
C VAL A 428 23.75 5.12 -5.84
N ASP A 429 22.91 5.56 -6.78
CA ASP A 429 23.01 6.89 -7.33
C ASP A 429 21.62 7.29 -7.74
N TYR A 430 20.99 8.19 -6.95
CA TYR A 430 19.60 8.57 -7.16
C TYR A 430 19.49 9.96 -7.78
N ARG A 431 20.44 10.31 -8.66
CA ARG A 431 20.43 11.63 -9.28
C ARG A 431 19.55 11.74 -10.51
N ASN A 432 18.93 10.66 -10.99
CA ASN A 432 17.98 10.80 -12.10
C ASN A 432 16.61 11.21 -11.54
N GLY A 433 16.18 12.45 -11.82
CA GLY A 433 14.84 12.91 -11.50
C GLY A 433 13.78 12.18 -12.32
N GLY A 434 12.58 12.13 -11.77
CA GLY A 434 11.45 11.44 -12.36
C GLY A 434 10.14 11.80 -11.66
N ALA A 435 9.08 11.16 -12.14
CA ALA A 435 7.72 11.46 -11.75
C ALA A 435 6.82 10.29 -12.11
N THR A 436 5.88 9.97 -11.23
CA THR A 436 4.89 8.94 -11.49
C THR A 436 3.53 9.36 -10.96
N TRP A 437 2.49 8.84 -11.63
CA TRP A 437 1.11 9.23 -11.45
C TRP A 437 0.19 8.05 -11.72
N ASN A 438 -0.81 7.92 -10.84
CA ASN A 438 -1.75 6.81 -10.80
C ASN A 438 -2.97 7.11 -11.65
N PHE A 439 -3.60 6.04 -12.17
CA PHE A 439 -4.91 6.15 -12.79
C PHE A 439 -5.64 4.83 -12.61
N PRO A 440 -6.99 4.80 -12.70
CA PRO A 440 -7.73 3.55 -12.55
C PRO A 440 -7.20 2.45 -13.47
N ASN A 441 -7.06 1.25 -12.92
CA ASN A 441 -6.49 0.14 -13.63
C ASN A 441 -7.29 -0.21 -14.91
N GLY A 442 -6.56 -0.56 -15.96
CA GLY A 442 -7.18 -1.12 -17.18
C GLY A 442 -6.24 -2.10 -17.86
N THR A 443 -6.82 -3.23 -18.35
CA THR A 443 -6.13 -4.11 -19.28
C THR A 443 -6.12 -3.53 -20.70
N THR A 444 -7.07 -2.65 -20.98
N THR A 444 -7.04 -2.60 -20.96
CA THR A 444 -6.93 -1.75 -22.13
CA THR A 444 -7.01 -1.79 -22.18
C THR A 444 -7.20 -0.32 -21.73
C THR A 444 -7.27 -0.33 -21.81
N GLY A 445 -6.49 0.59 -22.37
CA GLY A 445 -6.74 2.00 -22.14
C GLY A 445 -5.96 2.91 -23.08
N LEU A 446 -6.09 4.21 -22.82
CA LEU A 446 -5.47 5.26 -23.58
C LEU A 446 -4.92 6.29 -22.59
N VAL A 447 -3.61 6.48 -22.60
CA VAL A 447 -3.00 7.54 -21.81
C VAL A 447 -2.31 8.54 -22.73
N LYS A 448 -2.54 9.84 -22.49
CA LYS A 448 -1.89 10.89 -23.24
C LYS A 448 -1.08 11.78 -22.31
N PHE A 449 0.13 12.20 -22.71
CA PHE A 449 0.86 13.23 -22.00
C PHE A 449 1.52 14.22 -22.95
N ARG A 450 1.87 15.35 -22.38
CA ARG A 450 2.37 16.50 -23.12
C ARG A 450 3.72 16.90 -22.54
N PHE A 451 4.70 17.00 -23.41
CA PHE A 451 6.07 17.22 -23.02
C PHE A 451 6.77 18.14 -24.01
N ARG A 452 7.93 18.61 -23.56
CA ARG A 452 8.72 19.56 -24.35
C ARG A 452 10.17 19.46 -23.90
N VAL A 453 11.08 19.57 -24.86
CA VAL A 453 12.51 19.57 -24.57
C VAL A 453 12.94 20.91 -24.00
N VAL A 454 13.66 20.89 -22.86
CA VAL A 454 14.17 22.11 -22.25
C VAL A 454 15.29 22.66 -23.11
N ASP A 455 15.24 23.99 -23.33
CA ASP A 455 16.19 24.64 -24.20
C ASP A 455 17.48 24.82 -23.43
N GLY A 456 18.32 23.80 -23.33
CA GLY A 456 19.55 23.87 -22.57
C GLY A 456 20.50 22.75 -22.97
N GLU A 457 21.70 22.72 -22.40
CA GLU A 457 22.68 21.69 -22.71
C GLU A 457 22.19 20.31 -22.24
N GLN A 458 22.36 19.30 -23.11
CA GLN A 458 21.93 17.94 -22.85
C GLN A 458 23.13 16.99 -23.02
N ALA A 459 23.09 15.87 -22.30
CA ALA A 459 24.13 14.86 -22.40
C ALA A 459 23.77 13.92 -23.52
N ASP A 460 24.74 13.06 -23.89
CA ASP A 460 24.52 12.15 -25.00
C ASP A 460 23.37 11.19 -24.74
N ASP A 461 23.13 10.82 -23.47
CA ASP A 461 22.08 9.86 -23.16
C ASP A 461 20.86 10.53 -22.51
N SER A 462 20.78 11.85 -22.59
CA SER A 462 19.64 12.58 -22.02
C SER A 462 18.33 12.19 -22.70
N GLY A 463 17.25 12.30 -21.92
CA GLY A 463 15.97 11.86 -22.40
C GLY A 463 15.09 11.40 -21.25
N LEU A 464 14.06 10.63 -21.61
CA LEU A 464 13.03 10.26 -20.67
C LEU A 464 12.58 8.85 -20.99
N GLN A 465 12.67 7.96 -19.99
CA GLN A 465 12.14 6.61 -20.15
C GLN A 465 10.69 6.66 -19.65
N VAL A 466 9.76 6.26 -20.50
CA VAL A 466 8.34 6.32 -20.24
C VAL A 466 7.81 4.90 -20.10
N SER A 467 7.17 4.58 -18.96
CA SER A 467 6.74 3.22 -18.63
C SER A 467 5.30 3.20 -18.15
N LEU A 468 4.54 2.19 -18.58
CA LEU A 468 3.27 1.87 -17.96
C LEU A 468 3.52 0.73 -16.98
N THR A 469 3.07 0.89 -15.72
CA THR A 469 3.36 -0.10 -14.70
C THR A 469 2.09 -0.51 -13.98
N ASP A 470 2.22 -1.55 -13.13
CA ASP A 470 1.08 -2.08 -12.36
C ASP A 470 1.28 -1.89 -10.85
N ARG A 471 2.32 -1.12 -10.47
CA ARG A 471 2.37 -0.54 -9.13
C ARG A 471 3.27 0.70 -9.15
N LEU A 472 3.36 1.38 -8.00
CA LEU A 472 4.08 2.64 -7.91
C LEU A 472 5.57 2.37 -7.73
N PHE A 473 6.35 2.70 -8.77
CA PHE A 473 7.80 2.68 -8.73
C PHE A 473 8.33 4.05 -8.32
N ASN A 474 9.42 4.07 -7.56
CA ASN A 474 10.00 5.34 -7.17
C ASN A 474 10.33 6.17 -8.40
N ALA A 475 10.20 7.49 -8.23
CA ALA A 475 10.50 8.46 -9.25
C ALA A 475 11.95 8.34 -9.69
N CYS A 476 12.85 7.94 -8.78
CA CYS A 476 14.27 7.87 -9.06
C CYS A 476 14.74 6.46 -9.43
N ASP A 477 13.81 5.52 -9.69
CA ASP A 477 14.17 4.14 -9.97
C ASP A 477 14.34 3.92 -11.48
N SER A 478 15.60 3.88 -11.91
CA SER A 478 15.98 3.61 -13.31
C SER A 478 15.66 2.18 -13.80
N THR A 479 15.30 1.24 -12.91
CA THR A 479 15.05 -0.15 -13.29
C THR A 479 13.58 -0.37 -13.61
N THR A 480 12.76 0.68 -13.45
CA THR A 480 11.32 0.58 -13.67
C THR A 480 10.99 -0.06 -15.02
N LYS A 481 11.70 0.36 -16.05
CA LYS A 481 11.53 -0.16 -17.40
C LYS A 481 11.71 -1.68 -17.45
N ASP A 482 12.48 -2.27 -16.54
CA ASP A 482 12.69 -3.72 -16.55
C ASP A 482 11.48 -4.51 -16.04
N TYR A 483 10.57 -3.86 -15.29
CA TYR A 483 9.36 -4.46 -14.76
C TYR A 483 8.10 -3.96 -15.46
N ALA A 484 8.24 -3.00 -16.39
CA ALA A 484 7.13 -2.30 -16.98
C ALA A 484 6.28 -3.19 -17.90
N LEU A 485 5.01 -2.91 -17.99
CA LEU A 485 4.13 -3.59 -18.94
C LEU A 485 4.50 -3.11 -20.33
N PHE A 486 4.65 -1.78 -20.46
CA PHE A 486 5.15 -1.19 -21.71
C PHE A 486 6.16 -0.10 -21.35
N THR A 487 7.20 0.05 -22.17
CA THR A 487 8.22 1.04 -21.92
C THR A 487 8.90 1.45 -23.22
N PHE A 488 9.35 2.72 -23.29
CA PHE A 488 10.14 3.21 -24.41
C PHE A 488 10.87 4.49 -24.00
N PRO A 489 12.02 4.80 -24.64
CA PRO A 489 12.73 6.06 -24.39
C PRO A 489 12.39 7.17 -25.38
N ILE A 490 12.24 8.39 -24.84
CA ILE A 490 12.41 9.62 -25.61
C ILE A 490 13.89 9.99 -25.51
N ARG A 491 14.58 10.06 -26.65
CA ARG A 491 15.99 10.38 -26.68
C ARG A 491 16.19 11.78 -27.26
N LEU A 492 17.13 12.53 -26.69
CA LEU A 492 17.34 13.92 -27.08
C LEU A 492 18.51 14.05 -28.04
N LYS A 493 19.43 13.10 -28.04
CA LYS A 493 20.62 13.16 -28.90
C LYS A 493 20.69 11.92 -29.79
N PRO A 494 21.29 11.99 -31.00
CA PRO A 494 21.88 13.21 -31.58
C PRO A 494 20.90 14.35 -31.86
N ALA A 495 19.68 13.99 -32.27
CA ALA A 495 18.54 14.89 -32.32
C ALA A 495 17.37 14.21 -31.60
N PRO A 496 16.35 14.96 -31.14
CA PRO A 496 15.22 14.36 -30.43
C PRO A 496 14.40 13.40 -31.26
N HIS A 497 14.10 12.24 -30.68
CA HIS A 497 13.31 11.22 -31.33
C HIS A 497 12.76 10.23 -30.30
N LEU A 498 11.64 9.60 -30.62
CA LEU A 498 11.15 8.42 -29.91
C LEU A 498 11.84 7.18 -30.49
N LEU A 499 12.24 6.23 -29.64
CA LEU A 499 12.68 4.92 -30.14
C LEU A 499 11.61 3.90 -29.82
N LEU A 500 10.91 3.39 -30.85
CA LEU A 500 9.80 2.45 -30.70
C LEU A 500 10.24 1.11 -31.26
N GLY A 501 10.95 0.37 -30.41
CA GLY A 501 11.72 -0.79 -30.78
C GLY A 501 12.93 -0.39 -31.61
N MET A 502 12.77 -0.58 -32.93
CA MET A 502 13.82 -0.32 -33.91
C MET A 502 13.67 1.08 -34.50
N LYS A 503 12.42 1.53 -34.62
CA LYS A 503 12.05 2.73 -35.37
C LYS A 503 12.32 4.01 -34.58
N LYS A 504 13.15 4.90 -35.14
CA LYS A 504 13.32 6.24 -34.63
C LYS A 504 12.23 7.18 -35.17
N VAL A 505 11.53 7.90 -34.30
CA VAL A 505 10.46 8.81 -34.73
C VAL A 505 10.86 10.22 -34.31
N PRO A 506 11.31 11.08 -35.24
CA PRO A 506 11.89 12.38 -34.84
C PRO A 506 10.76 13.30 -34.40
N PHE A 507 11.12 14.31 -33.62
CA PHE A 507 10.19 15.39 -33.28
C PHE A 507 11.00 16.67 -33.02
N THR A 508 10.31 17.81 -33.04
CA THR A 508 11.00 19.10 -32.96
C THR A 508 11.37 19.47 -31.53
N PRO A 509 12.54 20.09 -31.31
CA PRO A 509 12.78 20.78 -30.04
C PRO A 509 11.97 22.08 -29.99
N GLY A 510 11.99 22.77 -28.85
CA GLY A 510 11.37 24.09 -28.73
C GLY A 510 9.87 24.10 -28.97
N ALA A 511 9.19 22.96 -28.75
CA ALA A 511 7.75 22.89 -28.95
C ALA A 511 7.19 21.80 -28.06
N TRP A 512 5.93 22.01 -27.65
CA TRP A 512 5.15 21.01 -26.96
C TRP A 512 4.73 19.90 -27.92
N HIS A 513 4.78 18.65 -27.43
CA HIS A 513 4.32 17.48 -28.19
C HIS A 513 3.45 16.65 -27.28
N GLU A 514 2.42 16.01 -27.87
CA GLU A 514 1.57 15.08 -27.14
C GLU A 514 1.89 13.67 -27.62
N ILE A 515 2.10 12.75 -26.68
CA ILE A 515 2.17 11.31 -27.01
C ILE A 515 0.95 10.60 -26.42
N SER A 516 0.39 9.66 -27.19
CA SER A 516 -0.68 8.76 -26.80
C SER A 516 -0.13 7.34 -26.78
N LEU A 517 -0.57 6.57 -25.78
CA LEU A 517 -0.33 5.14 -25.66
C LEU A 517 -1.68 4.46 -25.54
N LEU A 518 -2.01 3.68 -26.57
CA LEU A 518 -3.25 2.93 -26.57
C LEU A 518 -2.89 1.46 -26.41
N TRP A 519 -3.15 0.87 -25.23
CA TRP A 519 -2.72 -0.50 -25.00
C TRP A 519 -3.95 -1.41 -24.97
N GLN A 520 -3.72 -2.63 -25.44
N GLN A 520 -3.71 -2.63 -25.43
CA GLN A 520 -4.72 -3.68 -25.43
CA GLN A 520 -4.71 -3.68 -25.37
C GLN A 520 -3.96 -5.00 -25.56
C GLN A 520 -3.97 -4.99 -25.55
N GLY A 521 -4.18 -5.91 -24.61
CA GLY A 521 -3.44 -7.16 -24.58
C GLY A 521 -1.94 -6.94 -24.45
N GLY A 522 -1.21 -7.57 -25.37
CA GLY A 522 0.23 -7.53 -25.35
C GLY A 522 0.82 -6.52 -26.34
N GLN A 523 0.04 -5.48 -26.72
CA GLN A 523 0.55 -4.46 -27.63
C GLN A 523 0.06 -3.07 -27.24
N ALA A 524 0.89 -2.06 -27.54
CA ALA A 524 0.49 -0.68 -27.38
C ALA A 524 0.80 0.10 -28.67
N VAL A 525 -0.18 0.87 -29.14
CA VAL A 525 0.03 1.76 -30.26
C VAL A 525 0.41 3.14 -29.70
N VAL A 526 1.56 3.65 -30.14
CA VAL A 526 2.10 4.95 -29.77
C VAL A 526 1.79 5.95 -30.89
N SER A 527 1.23 7.10 -30.53
CA SER A 527 0.96 8.21 -31.45
C SER A 527 1.73 9.44 -30.98
N LEU A 528 2.16 10.26 -31.95
CA LEU A 528 2.84 11.51 -31.71
C LEU A 528 2.05 12.61 -32.40
N ASP A 529 1.53 13.57 -31.61
CA ASP A 529 0.78 14.70 -32.15
C ASP A 529 -0.33 14.22 -33.08
N GLY A 530 -1.09 13.21 -32.66
CA GLY A 530 -2.28 12.80 -33.39
C GLY A 530 -2.03 11.79 -34.52
N LYS A 531 -0.76 11.45 -34.81
CA LYS A 531 -0.43 10.50 -35.86
C LYS A 531 0.24 9.26 -35.29
N LYS A 532 -0.25 8.09 -35.72
CA LYS A 532 0.36 6.85 -35.30
C LYS A 532 1.85 6.92 -35.58
N ALA A 533 2.67 6.49 -34.62
CA ALA A 533 4.11 6.57 -34.76
C ALA A 533 4.77 5.18 -34.73
N GLY A 534 4.15 4.22 -34.02
CA GLY A 534 4.78 2.92 -33.91
C GLY A 534 4.01 2.03 -32.94
N THR A 535 4.54 0.82 -32.68
N THR A 535 4.59 0.86 -32.66
CA THR A 535 3.90 -0.13 -31.78
CA THR A 535 3.99 -0.11 -31.78
C THR A 535 4.95 -0.71 -30.83
C THR A 535 5.04 -0.49 -30.73
N LEU A 536 4.54 -0.96 -29.57
CA LEU A 536 5.39 -1.57 -28.56
C LEU A 536 4.82 -2.93 -28.20
N LYS A 537 5.69 -3.94 -28.17
CA LYS A 537 5.31 -5.21 -27.61
C LYS A 537 5.37 -5.11 -26.07
N MET A 538 4.40 -5.73 -25.40
CA MET A 538 4.43 -5.85 -23.96
C MET A 538 5.76 -6.41 -23.51
N ALA A 539 6.39 -5.75 -22.54
CA ALA A 539 7.68 -6.16 -22.00
C ALA A 539 7.49 -7.13 -20.82
N ASN A 540 6.41 -6.96 -20.06
CA ASN A 540 6.11 -7.85 -18.94
C ASN A 540 4.62 -8.00 -18.79
N LYS A 541 4.18 -9.23 -18.56
CA LYS A 541 2.77 -9.49 -18.28
C LYS A 541 2.41 -8.94 -16.91
N SER A 542 1.14 -8.64 -16.71
CA SER A 542 0.58 -8.22 -15.44
C SER A 542 -0.63 -9.10 -15.12
N PRO A 543 -0.85 -9.47 -13.85
CA PRO A 543 -2.13 -10.08 -13.47
C PRO A 543 -3.29 -9.09 -13.49
N ASN A 544 -3.01 -7.78 -13.53
CA ASN A 544 -4.09 -6.81 -13.33
C ASN A 544 -4.32 -5.86 -14.51
N GLY A 545 -3.23 -5.31 -15.06
CA GLY A 545 -3.30 -4.21 -16.02
C GLY A 545 -2.40 -3.06 -15.57
N ALA A 546 -2.55 -1.92 -16.27
CA ALA A 546 -1.72 -0.75 -16.02
C ALA A 546 -2.51 0.21 -15.16
N SER A 547 -1.84 0.77 -14.16
CA SER A 547 -2.45 1.72 -13.25
C SER A 547 -1.46 2.85 -12.93
N TYR A 548 -0.29 2.87 -13.54
CA TYR A 548 0.62 3.98 -13.38
C TYR A 548 1.28 4.31 -14.71
N ILE A 549 1.60 5.59 -14.87
CA ILE A 549 2.63 5.98 -15.81
C ILE A 549 3.79 6.57 -15.00
N HIS A 550 4.98 6.19 -15.45
CA HIS A 550 6.25 6.51 -14.81
C HIS A 550 7.20 7.14 -15.83
N PHE A 551 7.80 8.29 -15.46
CA PHE A 551 8.67 9.04 -16.33
C PHE A 551 10.00 9.25 -15.63
N ILE A 552 11.13 8.80 -16.18
CA ILE A 552 12.38 9.07 -15.50
C ILE A 552 13.43 9.56 -16.48
N SER A 553 14.24 10.56 -16.06
CA SER A 553 15.36 11.06 -16.85
C SER A 553 16.36 9.92 -17.10
N THR A 554 17.06 10.01 -18.24
CA THR A 554 18.02 8.99 -18.64
C THR A 554 19.46 9.49 -18.69
N GLY A 555 19.66 10.81 -18.54
CA GLY A 555 21.00 11.37 -18.65
C GLY A 555 21.92 10.82 -17.57
N SER A 556 23.21 10.63 -17.92
N SER A 556 23.21 10.61 -17.90
CA SER A 556 24.22 10.15 -16.98
CA SER A 556 24.19 10.15 -16.94
C SER A 556 25.08 11.30 -16.48
C SER A 556 25.15 11.27 -16.54
N GLN A 557 24.94 12.48 -17.10
CA GLN A 557 25.61 13.68 -16.61
C GLN A 557 24.58 14.80 -16.44
N PRO A 558 24.80 15.81 -15.60
CA PRO A 558 23.78 16.85 -15.38
C PRO A 558 23.35 17.46 -16.71
N ASP A 559 22.04 17.64 -16.88
CA ASP A 559 21.47 18.05 -18.14
C ASP A 559 20.28 18.97 -17.90
N ALA A 560 19.63 19.37 -18.99
CA ALA A 560 18.49 20.27 -18.89
C ALA A 560 17.18 19.49 -18.85
N GLY A 561 17.14 18.37 -19.57
CA GLY A 561 16.02 17.46 -19.47
C GLY A 561 14.81 17.90 -20.29
N ILE A 562 13.64 17.52 -19.79
CA ILE A 562 12.37 17.72 -20.45
C ILE A 562 11.39 18.36 -19.46
N LEU A 563 10.29 18.91 -20.01
CA LEU A 563 9.18 19.44 -19.24
C LEU A 563 7.97 18.55 -19.47
N LEU A 564 7.21 18.32 -18.39
CA LEU A 564 5.99 17.53 -18.44
C LEU A 564 4.82 18.40 -17.98
N ASP A 565 3.76 18.43 -18.79
CA ASP A 565 2.61 19.28 -18.54
C ASP A 565 1.43 18.46 -18.03
N THR A 566 0.61 17.94 -18.94
CA THR A 566 -0.61 17.25 -18.61
C THR A 566 -0.42 15.74 -18.79
N VAL A 567 -1.25 15.00 -18.08
CA VAL A 567 -1.43 13.59 -18.34
C VAL A 567 -2.91 13.28 -18.23
N ASN A 568 -3.43 12.43 -19.12
CA ASN A 568 -4.77 11.95 -18.88
C ASN A 568 -4.91 10.49 -19.29
N ALA A 569 -5.92 9.84 -18.71
CA ALA A 569 -6.11 8.42 -18.88
C ALA A 569 -7.59 8.10 -18.97
N ARG A 570 -7.85 7.06 -19.76
CA ARG A 570 -9.17 6.48 -19.85
C ARG A 570 -8.93 4.99 -20.03
N VAL A 571 -9.64 4.17 -19.24
CA VAL A 571 -9.53 2.73 -19.38
C VAL A 571 -10.92 2.16 -19.69
N LYS A 572 -11.01 0.93 -20.21
CA LYS A 572 -12.34 0.37 -20.47
C LYS A 572 -12.55 -0.91 -19.67
N LEU A 573 -13.81 -1.25 -19.34
CA LEU A 573 -14.12 -2.60 -18.83
C LEU A 573 -14.13 -3.58 -19.98
N GLU A 574 -13.39 -4.68 -19.86
CA GLU A 574 -13.42 -5.81 -20.78
C GLU A 574 -14.23 -6.91 -20.07
N HIS A 575 -15.56 -6.88 -20.26
CA HIS A 575 -16.55 -7.71 -19.59
C HIS A 575 -16.28 -9.21 -19.77
N HIS A 576 -16.73 -10.03 -18.81
CA HIS A 576 -16.67 -11.48 -18.93
C HIS A 576 -17.58 -11.94 -20.08
N HIS A 577 -17.09 -12.88 -20.89
CA HIS A 577 -17.92 -13.56 -21.89
C HIS A 577 -17.25 -14.88 -22.22
N HIS A 578 -17.96 -15.71 -23.00
CA HIS A 578 -17.60 -17.09 -23.24
C HIS A 578 -17.07 -17.32 -24.66
N HIS A 579 -16.92 -16.28 -25.49
CA HIS A 579 -16.40 -16.45 -26.83
C HIS A 579 -14.85 -16.41 -26.81
N HIS A 580 -14.22 -17.46 -26.25
CA HIS A 580 -12.75 -17.61 -26.14
C HIS A 580 -12.23 -18.95 -26.69
NI NI B . 13.85 -3.21 11.75
C1 EDO C . -3.84 10.81 -4.53
O1 EDO C . -3.54 10.44 -5.86
C2 EDO C . -5.18 11.46 -4.37
O2 EDO C . -5.15 12.79 -4.77
C1 EDO D . 12.39 -3.40 0.84
O1 EDO D . 13.64 -3.53 1.50
C2 EDO D . 11.71 -2.19 1.40
O2 EDO D . 12.32 -0.98 0.99
C1 EDO E . -17.04 -12.82 21.94
O1 EDO E . -16.76 -14.03 21.19
C2 EDO E . -17.86 -13.04 23.15
O2 EDO E . -19.23 -13.48 22.95
C1 EDO F . 22.52 20.66 -26.63
O1 EDO F . 23.36 19.87 -25.83
C2 EDO F . 21.61 19.79 -27.35
O2 EDO F . 20.32 20.30 -27.44
C1 EDO G . 19.65 9.15 12.62
O1 EDO G . 20.47 8.08 12.14
C2 EDO G . 20.52 10.32 12.90
O2 EDO G . 21.32 10.64 11.78
C1 EDO H . -18.90 -13.17 27.08
O1 EDO H . -20.08 -12.42 27.23
C2 EDO H . -18.98 -14.50 27.73
O2 EDO H . -19.75 -14.43 28.92
C1 EDO I . -16.08 -25.10 3.08
O1 EDO I . -17.46 -25.44 3.23
C2 EDO I . -15.45 -25.53 1.81
O2 EDO I . -15.21 -24.44 0.91
C1 EDO J . -8.20 -6.85 -14.07
O1 EDO J . -7.65 -7.77 -15.02
C2 EDO J . -8.15 -7.45 -12.72
O2 EDO J . -9.31 -8.23 -12.51
C1 EDO K . -25.24 -9.52 31.47
O1 EDO K . -24.76 -10.34 32.50
C2 EDO K . -24.69 -8.15 31.61
O2 EDO K . -24.79 -7.45 30.40
C1 PEG L . -11.34 -19.73 -4.67
O1 PEG L . -11.70 -19.05 -3.48
C2 PEG L . -10.06 -20.51 -4.53
O2 PEG L . -10.36 -21.87 -4.21
C3 PEG L . -9.36 -22.51 -3.44
C4 PEG L . -8.36 -23.15 -4.33
O4 PEG L . -7.46 -23.96 -3.59
C1 EDO M . -23.33 -3.01 14.44
O1 EDO M . -22.14 -3.36 13.76
C2 EDO M . -23.49 -1.56 14.69
O2 EDO M . -24.57 -0.93 13.99
C1 EDO N . 2.16 22.34 -6.97
O1 EDO N . 3.22 22.57 -6.01
C2 EDO N . 0.78 22.37 -6.44
O2 EDO N . 0.27 21.11 -6.01
C1 EDO O . 8.63 -21.37 -0.11
O1 EDO O . 9.80 -22.04 0.29
C2 EDO O . 7.50 -21.65 0.79
O2 EDO O . 6.31 -21.21 0.23
C1 EDO P . -9.27 2.10 -25.38
O1 EDO P . -10.54 1.48 -25.48
C2 EDO P . -9.31 3.36 -24.63
O2 EDO P . -10.24 3.35 -23.58
C1 EDO Q . 0.78 19.47 -28.38
O1 EDO Q . -0.22 19.60 -27.41
C2 EDO Q . 0.91 20.68 -29.24
O2 EDO Q . 0.38 21.85 -28.65
C1 EDO R . 5.89 15.75 -34.34
O1 EDO R . 4.52 15.63 -34.69
C2 EDO R . 6.56 16.88 -35.04
O2 EDO R . 7.81 17.24 -34.52
C1 EDO S . -10.14 12.35 -19.32
O1 EDO S . -9.31 11.19 -19.56
C2 EDO S . -9.85 13.06 -18.05
O2 EDO S . -10.72 12.78 -16.94
C1 EDO T . -19.19 -14.89 4.30
O1 EDO T . -19.11 -16.17 3.68
C2 EDO T . -19.35 -13.80 3.33
O2 EDO T . -20.48 -13.95 2.48
C1 EDO U . -22.95 -0.19 7.07
O1 EDO U . -23.59 0.50 6.02
C2 EDO U . -23.27 0.32 8.45
O2 EDO U . -24.21 1.36 8.47
CL CL V . -4.20 -7.44 27.19
CL CL W . 18.60 14.72 5.72
CL CL X . 20.02 -19.16 -11.66
CL CL Y . -4.28 -21.20 19.90
CL CL Z . -8.90 -14.44 -5.03
CL CL AA . 5.76 18.01 -1.08
CL CL BA . 2.22 -10.19 27.99
CL CL CA . 10.39 -0.01 14.81
#